data_1PU8
#
_entry.id   1PU8
#
_cell.length_a   146.605
_cell.length_b   44.399
_cell.length_c   81.516
_cell.angle_alpha   90.00
_cell.angle_beta   106.40
_cell.angle_gamma   90.00
#
_symmetry.space_group_name_H-M   'C 1 2 1'
#
loop_
_entity.id
_entity.type
_entity.pdbx_description
1 polymer '3-METHYLADENINE DNA GLYCOSYLASE'
2 non-polymer 3H-IMIDAZO[2,1-I]PURINE
3 non-polymer BETA-MERCAPTOETHANOL
4 water water
#
_entity_poly.entity_id   1
_entity_poly.type   'polypeptide(L)'
_entity_poly.pdbx_seq_one_letter_code
;VLDSFEILKALKSLDLLKNAPAWWWPNALKFEALLGAVLTQNTKFEAVLKSLENLKNAFILENDDEINLKKIAYIEFSKL
AECVRPSGFYNQKAKRLIDLSGNILKDFQSFENFKQEVTREWLLDQKGIGKESADAILCYACAKEVMVVDKYSYLFLKKL
GIEIEDYDELQHFFEKGVQENLNSALALYENTISLAQLYARFHG(KCX)IVEFSKQKLELKL
;
_entity_poly.pdbx_strand_id   A,B
#
# COMPACT_ATOMS: atom_id res chain seq x y z
C VAL A 1 -17.62 -9.63 -42.30
N LEU A 2 -16.76 -8.66 -42.61
CA LEU A 2 -15.50 -8.47 -41.88
C LEU A 2 -15.66 -7.55 -40.65
N ASP A 3 -15.37 -8.08 -39.46
CA ASP A 3 -15.42 -7.28 -38.26
C ASP A 3 -14.20 -7.58 -37.38
N SER A 4 -14.11 -6.94 -36.21
CA SER A 4 -12.87 -7.05 -35.45
C SER A 4 -12.72 -8.41 -34.73
N PHE A 5 -13.83 -9.09 -34.50
CA PHE A 5 -13.77 -10.44 -33.95
C PHE A 5 -13.10 -11.39 -34.96
N GLU A 6 -13.51 -11.34 -36.22
CA GLU A 6 -12.87 -12.14 -37.25
C GLU A 6 -11.38 -11.84 -37.36
N ILE A 7 -11.02 -10.57 -37.23
CA ILE A 7 -9.63 -10.14 -37.29
C ILE A 7 -8.86 -10.69 -36.09
N LEU A 8 -9.46 -10.61 -34.90
CA LEU A 8 -8.83 -11.13 -33.68
C LEU A 8 -8.50 -12.60 -33.83
N LYS A 9 -9.48 -13.39 -34.29
CA LYS A 9 -9.27 -14.81 -34.42
C LYS A 9 -8.12 -15.07 -35.40
N ALA A 10 -8.10 -14.34 -36.51
CA ALA A 10 -7.08 -14.61 -37.53
C ALA A 10 -5.69 -14.19 -37.01
N LEU A 11 -5.62 -13.03 -36.36
CA LEU A 11 -4.37 -12.58 -35.78
C LEU A 11 -3.89 -13.53 -34.69
N LYS A 12 -4.81 -13.96 -33.85
CA LYS A 12 -4.51 -14.87 -32.77
C LYS A 12 -3.87 -16.17 -33.30
N SER A 13 -4.41 -16.73 -34.38
CA SER A 13 -3.87 -17.96 -34.93
C SER A 13 -2.45 -17.78 -35.51
N LEU A 14 -1.99 -16.54 -35.62
CA LEU A 14 -0.62 -16.30 -36.07
C LEU A 14 0.42 -16.42 -34.95
N ASP A 15 -0.05 -16.40 -33.69
CA ASP A 15 0.82 -16.57 -32.52
C ASP A 15 1.90 -15.47 -32.42
N LEU A 16 1.47 -14.25 -32.68
CA LEU A 16 2.34 -13.08 -32.78
C LEU A 16 2.91 -12.67 -31.44
N LEU A 17 2.31 -13.16 -30.36
CA LEU A 17 2.70 -12.72 -29.02
C LEU A 17 3.48 -13.80 -28.28
N LYS A 18 3.86 -14.87 -28.98
CA LYS A 18 4.65 -15.95 -28.36
C LYS A 18 5.75 -15.44 -27.43
N ASN A 19 6.45 -14.38 -27.82
CA ASN A 19 7.58 -13.86 -27.03
C ASN A 19 7.20 -12.69 -26.11
N ALA A 20 5.93 -12.27 -26.12
CA ALA A 20 5.50 -11.10 -25.34
C ALA A 20 5.14 -11.40 -23.87
N PRO A 21 5.21 -10.41 -22.99
CA PRO A 21 4.61 -10.56 -21.66
C PRO A 21 3.08 -10.60 -21.76
N ALA A 22 2.43 -10.92 -20.67
CA ALA A 22 0.98 -11.11 -20.64
C ALA A 22 0.14 -9.95 -21.22
N TRP A 23 0.56 -8.71 -20.94
CA TRP A 23 -0.15 -7.54 -21.45
C TRP A 23 0.54 -6.88 -22.63
N TRP A 24 1.51 -7.59 -23.21
CA TRP A 24 2.26 -7.15 -24.39
C TRP A 24 3.22 -6.02 -24.14
N TRP A 25 2.70 -4.88 -23.68
CA TRP A 25 3.51 -3.77 -23.23
C TRP A 25 4.35 -4.20 -22.01
N PRO A 26 5.67 -4.10 -22.10
CA PRO A 26 6.55 -4.51 -20.99
C PRO A 26 6.33 -3.60 -19.80
N ASN A 27 6.27 -4.19 -18.61
CA ASN A 27 6.01 -3.46 -17.38
C ASN A 27 4.64 -2.77 -17.40
N ALA A 28 3.69 -3.42 -18.07
CA ALA A 28 2.30 -3.06 -17.99
C ALA A 28 1.84 -2.88 -16.53
N LEU A 29 0.84 -2.01 -16.38
CA LEU A 29 0.15 -1.78 -15.10
C LEU A 29 1.04 -1.10 -14.06
N LYS A 30 2.15 -0.52 -14.50
CA LYS A 30 3.09 0.18 -13.61
C LYS A 30 3.37 1.56 -14.17
N PHE A 31 3.97 2.41 -13.35
CA PHE A 31 4.16 3.80 -13.69
C PHE A 31 4.92 3.89 -15.00
N GLU A 32 5.84 2.97 -15.18
CA GLU A 32 6.68 2.94 -16.37
C GLU A 32 5.88 2.78 -17.66
N ALA A 33 4.76 2.08 -17.59
CA ALA A 33 3.86 1.94 -18.74
C ALA A 33 3.30 3.30 -19.15
N LEU A 34 2.93 4.12 -18.17
CA LEU A 34 2.42 5.47 -18.42
C LEU A 34 3.53 6.33 -19.03
N LEU A 35 4.73 6.26 -18.45
CA LEU A 35 5.85 6.99 -19.05
C LEU A 35 6.09 6.58 -20.51
N GLY A 36 6.07 5.29 -20.80
CA GLY A 36 6.25 4.80 -22.16
C GLY A 36 5.17 5.28 -23.11
N ALA A 37 3.92 5.23 -22.65
CA ALA A 37 2.76 5.66 -23.42
C ALA A 37 2.93 7.09 -23.87
N VAL A 38 3.49 7.93 -23.00
CA VAL A 38 3.74 9.34 -23.35
C VAL A 38 4.96 9.46 -24.25
N LEU A 39 6.04 8.75 -23.91
CA LEU A 39 7.29 8.93 -24.63
C LEU A 39 7.25 8.38 -26.03
N THR A 40 6.36 7.41 -26.25
CA THR A 40 6.25 6.73 -27.54
C THR A 40 5.62 7.58 -28.66
N GLN A 41 4.94 8.67 -28.28
CA GLN A 41 4.31 9.57 -29.24
C GLN A 41 5.29 10.06 -30.28
N ASN A 42 4.95 9.82 -31.55
CA ASN A 42 5.75 10.26 -32.71
C ASN A 42 7.13 9.64 -32.82
N THR A 43 7.34 8.52 -32.12
CA THR A 43 8.63 7.84 -32.15
C THR A 43 8.52 6.32 -32.12
N LYS A 44 9.67 5.67 -32.26
CA LYS A 44 9.81 4.21 -32.24
C LYS A 44 9.95 3.73 -30.79
N PHE A 45 9.28 2.62 -30.47
CA PHE A 45 9.28 2.11 -29.12
C PHE A 45 10.66 1.70 -28.65
N GLU A 46 11.47 1.23 -29.57
CA GLU A 46 12.86 0.90 -29.30
C GLU A 46 13.56 2.10 -28.65
N ALA A 47 13.29 3.30 -29.17
CA ALA A 47 13.83 4.56 -28.61
C ALA A 47 13.28 4.89 -27.22
N VAL A 48 12.01 4.57 -27.00
CA VAL A 48 11.37 4.75 -25.70
C VAL A 48 12.06 3.91 -24.62
N LEU A 49 12.41 2.70 -25.00
CA LEU A 49 13.08 1.77 -24.09
C LEU A 49 14.41 2.31 -23.59
N LYS A 50 15.16 2.96 -24.49
CA LYS A 50 16.39 3.67 -24.14
C LYS A 50 16.17 4.80 -23.12
N SER A 51 15.15 5.62 -23.35
CA SER A 51 14.85 6.71 -22.40
C SER A 51 14.59 6.12 -21.01
N LEU A 52 13.85 5.03 -20.98
CA LEU A 52 13.49 4.41 -19.71
C LEU A 52 14.76 3.84 -19.10
N GLU A 53 15.61 3.24 -19.92
CA GLU A 53 16.89 2.72 -19.46
C GLU A 53 17.70 3.83 -18.80
N ASN A 54 17.81 4.97 -19.48
CA ASN A 54 18.43 6.19 -18.94
C ASN A 54 17.87 6.56 -17.58
N LEU A 55 16.53 6.63 -17.51
CA LEU A 55 15.87 6.98 -16.27
C LEU A 55 16.21 6.01 -15.14
N LYS A 56 16.22 4.72 -15.45
CA LYS A 56 16.58 3.70 -14.47
C LYS A 56 18.04 3.80 -14.08
N ASN A 57 18.91 3.97 -15.07
CA ASN A 57 20.36 4.01 -14.80
C ASN A 57 20.76 5.22 -13.97
N ALA A 58 19.92 6.26 -13.97
CA ALA A 58 20.17 7.49 -13.24
C ALA A 58 19.49 7.42 -11.88
N PHE A 59 18.83 6.31 -11.61
CA PHE A 59 18.11 6.09 -10.36
C PHE A 59 16.92 7.09 -10.15
N ILE A 60 16.43 7.64 -11.26
CA ILE A 60 15.25 8.49 -11.22
C ILE A 60 14.04 7.59 -11.05
N LEU A 61 14.01 6.51 -11.80
CA LEU A 61 12.99 5.47 -11.68
C LEU A 61 13.60 4.30 -10.92
N GLU A 62 13.02 3.95 -9.77
CA GLU A 62 13.40 2.74 -9.06
C GLU A 62 12.16 1.88 -8.82
N ASN A 63 12.07 1.17 -7.70
CA ASN A 63 11.08 0.09 -7.57
C ASN A 63 9.70 0.49 -7.06
N ASP A 64 9.58 1.69 -6.48
CA ASP A 64 8.34 2.14 -5.89
C ASP A 64 7.70 3.16 -6.84
N ASP A 65 6.51 2.86 -7.34
CA ASP A 65 5.86 3.76 -8.29
C ASP A 65 5.42 5.10 -7.70
N GLU A 66 5.01 5.08 -6.42
CA GLU A 66 4.57 6.32 -5.77
C GLU A 66 5.74 7.29 -5.64
N ILE A 67 6.92 6.75 -5.35
CA ILE A 67 8.14 7.53 -5.30
C ILE A 67 8.49 7.96 -6.74
N ASN A 68 8.33 7.06 -7.69
CA ASN A 68 8.61 7.38 -9.09
C ASN A 68 7.74 8.56 -9.58
N LEU A 69 6.44 8.52 -9.28
CA LEU A 69 5.56 9.63 -9.64
C LEU A 69 6.05 10.97 -9.09
N LYS A 70 6.39 11.00 -7.81
CA LYS A 70 6.85 12.23 -7.19
C LYS A 70 8.20 12.64 -7.78
N LYS A 71 9.07 11.68 -8.09
CA LYS A 71 10.36 12.01 -8.68
C LYS A 71 10.18 12.76 -9.99
N ILE A 72 9.27 12.28 -10.84
CA ILE A 72 9.03 12.90 -12.12
C ILE A 72 8.36 14.25 -12.01
N ALA A 73 7.38 14.36 -11.11
CA ALA A 73 6.73 15.65 -10.87
C ALA A 73 7.71 16.72 -10.43
N TYR A 74 8.69 16.36 -9.61
CA TYR A 74 9.54 17.39 -9.02
C TYR A 74 10.96 17.44 -9.60
N ILE A 75 11.23 16.58 -10.57
CA ILE A 75 12.54 16.55 -11.21
C ILE A 75 12.84 17.87 -11.94
N GLU A 76 14.10 18.29 -11.91
CA GLU A 76 14.52 19.46 -12.66
C GLU A 76 14.25 19.22 -14.15
N PHE A 77 13.45 20.10 -14.77
CA PHE A 77 13.10 20.00 -16.18
C PHE A 77 14.28 19.55 -17.09
N SER A 78 15.41 20.23 -16.97
CA SER A 78 16.44 20.06 -17.98
C SER A 78 17.18 18.72 -17.81
N LYS A 79 17.19 18.20 -16.59
CA LYS A 79 17.66 16.84 -16.32
C LYS A 79 16.75 15.77 -16.94
N LEU A 80 15.44 15.89 -16.74
CA LEU A 80 14.49 14.95 -17.34
C LEU A 80 14.59 15.02 -18.85
N ALA A 81 14.64 16.24 -19.37
CA ALA A 81 14.77 16.47 -20.81
C ALA A 81 16.01 15.76 -21.35
N GLU A 82 17.15 15.92 -20.67
CA GLU A 82 18.37 15.18 -21.05
C GLU A 82 18.09 13.68 -21.08
N CYS A 83 17.51 13.15 -20.01
CA CYS A 83 17.25 11.71 -19.94
C CYS A 83 16.41 11.13 -21.10
N VAL A 84 15.45 11.88 -21.61
CA VAL A 84 14.50 11.31 -22.57
C VAL A 84 14.82 11.70 -24.00
N ARG A 85 16.04 12.19 -24.19
CA ARG A 85 16.61 12.47 -25.52
C ARG A 85 16.30 11.40 -26.53
N PRO A 86 16.56 10.11 -26.24
CA PRO A 86 16.47 9.08 -27.29
C PRO A 86 15.13 8.98 -27.98
N SER A 87 14.07 9.31 -27.27
CA SER A 87 12.73 9.20 -27.86
C SER A 87 12.26 10.48 -28.50
N GLY A 88 13.16 11.46 -28.60
CA GLY A 88 12.93 12.67 -29.36
C GLY A 88 11.95 13.66 -28.76
N PHE A 89 11.85 14.86 -29.34
CA PHE A 89 10.88 15.86 -28.87
C PHE A 89 11.02 15.98 -27.36
N TYR A 90 12.27 15.99 -26.90
CA TYR A 90 12.57 15.68 -25.50
C TYR A 90 12.23 16.83 -24.54
N ASN A 91 12.43 18.08 -24.96
CA ASN A 91 11.95 19.20 -24.14
C ASN A 91 10.43 19.16 -24.01
N GLN A 92 9.74 18.87 -25.13
CA GLN A 92 8.28 18.85 -25.04
C GLN A 92 7.83 17.71 -24.15
N LYS A 93 8.44 16.54 -24.30
CA LYS A 93 8.02 15.37 -23.54
C LYS A 93 8.36 15.45 -22.07
N ALA A 94 9.46 16.10 -21.71
CA ALA A 94 9.80 16.25 -20.31
C ALA A 94 8.76 17.12 -19.65
N LYS A 95 8.49 18.25 -20.27
CA LYS A 95 7.48 19.19 -19.75
C LYS A 95 6.12 18.48 -19.59
N ARG A 96 5.71 17.82 -20.68
CA ARG A 96 4.52 16.99 -20.72
C ARG A 96 4.43 16.01 -19.51
N LEU A 97 5.52 15.27 -19.28
CA LEU A 97 5.62 14.28 -18.18
C LEU A 97 5.59 14.91 -16.79
N ILE A 98 6.34 16.00 -16.62
CA ILE A 98 6.34 16.73 -15.34
C ILE A 98 5.00 17.34 -15.00
N ASP A 99 4.38 18.01 -15.99
CA ASP A 99 3.07 18.63 -15.79
C ASP A 99 2.05 17.52 -15.52
N LEU A 100 2.09 16.48 -16.35
CA LEU A 100 1.20 15.34 -16.14
C LEU A 100 1.37 14.81 -14.71
N SER A 101 2.60 14.51 -14.33
CA SER A 101 2.88 13.92 -13.02
C SER A 101 2.47 14.81 -11.83
N GLY A 102 2.75 16.10 -11.94
CA GLY A 102 2.32 17.07 -10.95
C GLY A 102 0.81 17.17 -10.91
N ASN A 103 0.15 17.14 -12.08
CA ASN A 103 -1.33 17.16 -12.08
C ASN A 103 -1.98 15.85 -11.55
N ILE A 104 -1.34 14.71 -11.80
CA ILE A 104 -1.78 13.46 -11.16
C ILE A 104 -1.74 13.61 -9.63
N LEU A 105 -0.63 14.08 -9.08
CA LEU A 105 -0.52 14.26 -7.64
C LEU A 105 -1.59 15.22 -7.15
N LYS A 106 -1.75 16.33 -7.86
CA LYS A 106 -2.68 17.36 -7.46
C LYS A 106 -4.13 16.87 -7.44
N ASP A 107 -4.52 16.10 -8.46
CA ASP A 107 -5.90 15.65 -8.60
C ASP A 107 -6.20 14.28 -7.98
N PHE A 108 -5.20 13.41 -7.89
CA PHE A 108 -5.45 12.06 -7.42
C PHE A 108 -4.60 11.60 -6.26
N GLN A 109 -3.70 12.46 -5.79
CA GLN A 109 -2.86 12.22 -4.61
C GLN A 109 -1.81 11.09 -4.76
N SER A 110 -2.12 10.05 -5.52
CA SER A 110 -1.24 8.89 -5.63
C SER A 110 -1.43 8.23 -7.00
N PHE A 111 -0.45 7.47 -7.45
CA PHE A 111 -0.56 6.77 -8.73
C PHE A 111 -1.61 5.66 -8.63
N GLU A 112 -1.64 5.01 -7.47
CA GLU A 112 -2.65 3.99 -7.20
C GLU A 112 -4.07 4.53 -7.41
N ASN A 113 -4.35 5.70 -6.84
CA ASN A 113 -5.69 6.27 -6.94
C ASN A 113 -5.97 6.79 -8.33
N PHE A 114 -4.94 7.39 -8.95
CA PHE A 114 -4.99 7.76 -10.35
C PHE A 114 -5.44 6.57 -11.23
N LYS A 115 -4.93 5.36 -10.96
CA LYS A 115 -5.20 4.24 -11.85
C LYS A 115 -6.67 3.93 -11.81
N GLN A 116 -7.29 4.21 -10.66
CA GLN A 116 -8.68 3.93 -10.42
C GLN A 116 -9.61 5.03 -10.93
N GLU A 117 -9.21 6.29 -10.74
CA GLU A 117 -10.06 7.46 -10.99
C GLU A 117 -9.85 8.19 -12.34
N VAL A 118 -8.72 7.95 -13.02
CA VAL A 118 -8.46 8.68 -14.26
C VAL A 118 -9.52 8.44 -15.32
N THR A 119 -9.88 9.47 -16.07
CA THR A 119 -10.72 9.30 -17.27
C THR A 119 -9.93 9.80 -18.46
N ARG A 120 -10.41 9.41 -19.64
CA ARG A 120 -9.82 9.85 -20.89
C ARG A 120 -9.84 11.36 -21.00
N GLU A 121 -10.95 11.97 -20.58
CA GLU A 121 -11.09 13.44 -20.65
C GLU A 121 -10.10 14.18 -19.78
N TRP A 122 -9.84 13.64 -18.59
CA TRP A 122 -8.77 14.17 -17.73
C TRP A 122 -7.40 14.13 -18.42
N LEU A 123 -7.10 13.00 -19.05
CA LEU A 123 -5.81 12.84 -19.73
C LEU A 123 -5.74 13.79 -20.92
N LEU A 124 -6.83 13.86 -21.66
CA LEU A 124 -6.90 14.73 -22.80
C LEU A 124 -6.76 16.22 -22.44
N ASP A 125 -7.03 16.58 -21.18
CA ASP A 125 -6.84 17.94 -20.67
C ASP A 125 -5.41 18.21 -20.21
N GLN A 126 -4.56 17.21 -20.33
CA GLN A 126 -3.16 17.41 -20.02
C GLN A 126 -2.45 17.81 -21.30
N LYS A 127 -1.94 19.04 -21.33
CA LYS A 127 -1.25 19.56 -22.50
C LYS A 127 -0.26 18.57 -23.17
N GLY A 128 -0.52 18.23 -24.42
CA GLY A 128 0.38 17.41 -25.19
C GLY A 128 0.03 15.94 -25.21
N ILE A 129 -0.95 15.53 -24.44
CA ILE A 129 -1.32 14.12 -24.47
C ILE A 129 -2.41 13.84 -25.52
N GLY A 130 -2.05 13.07 -26.54
CA GLY A 130 -2.97 12.76 -27.64
C GLY A 130 -3.85 11.59 -27.25
N LYS A 131 -4.82 11.26 -28.10
CA LYS A 131 -5.73 10.17 -27.83
C LYS A 131 -4.99 8.86 -27.67
N GLU A 132 -4.09 8.59 -28.59
CA GLU A 132 -3.36 7.34 -28.58
C GLU A 132 -2.62 7.17 -27.24
N SER A 133 -1.86 8.17 -26.85
CA SER A 133 -1.15 8.15 -25.57
C SER A 133 -2.13 8.04 -24.38
N ALA A 134 -3.16 8.89 -24.38
CA ALA A 134 -4.20 8.82 -23.37
C ALA A 134 -4.74 7.38 -23.27
N ASP A 135 -5.12 6.80 -24.40
CA ASP A 135 -5.64 5.43 -24.42
C ASP A 135 -4.63 4.37 -24.02
N ALA A 136 -3.37 4.56 -24.38
CA ALA A 136 -2.35 3.61 -23.99
C ALA A 136 -2.13 3.68 -22.47
N ILE A 137 -2.21 4.87 -21.89
CA ILE A 137 -2.14 4.99 -20.42
C ILE A 137 -3.33 4.25 -19.80
N LEU A 138 -4.53 4.47 -20.35
CA LEU A 138 -5.75 3.90 -19.81
C LEU A 138 -5.70 2.38 -19.88
N CYS A 139 -5.33 1.84 -21.03
CA CYS A 139 -5.28 0.41 -21.15
C CYS A 139 -4.06 -0.14 -20.44
N TYR A 140 -2.88 0.29 -20.86
CA TYR A 140 -1.67 -0.46 -20.52
C TYR A 140 -1.13 -0.11 -19.13
N ALA A 141 -1.44 1.10 -18.65
CA ALA A 141 -1.05 1.47 -17.29
C ALA A 141 -2.20 1.26 -16.29
N CYS A 142 -3.44 1.55 -16.70
CA CYS A 142 -4.58 1.52 -15.77
C CYS A 142 -5.54 0.33 -15.88
N ALA A 143 -5.27 -0.64 -16.75
CA ALA A 143 -6.19 -1.78 -16.96
C ALA A 143 -7.65 -1.41 -17.25
N LYS A 144 -7.88 -0.34 -18.01
CA LYS A 144 -9.22 0.03 -18.44
C LYS A 144 -9.56 -0.68 -19.74
N GLU A 145 -10.87 -0.80 -19.98
CA GLU A 145 -11.40 -1.47 -21.16
C GLU A 145 -11.46 -0.52 -22.33
N VAL A 146 -10.27 -0.27 -22.88
CA VAL A 146 -10.03 0.69 -23.95
C VAL A 146 -9.06 0.02 -24.92
N MET A 147 -9.37 0.00 -26.23
CA MET A 147 -8.38 -0.49 -27.17
C MET A 147 -7.66 0.65 -27.87
N VAL A 148 -6.33 0.66 -27.76
CA VAL A 148 -5.51 1.67 -28.42
C VAL A 148 -5.65 1.41 -29.92
N VAL A 149 -5.77 2.47 -30.71
CA VAL A 149 -5.58 2.38 -32.16
C VAL A 149 -4.58 3.45 -32.52
N ASP A 150 -4.12 3.42 -33.77
CA ASP A 150 -2.98 4.20 -34.21
C ASP A 150 -2.91 4.11 -35.75
N LYS A 151 -1.81 4.63 -36.30
CA LYS A 151 -1.55 4.56 -37.73
C LYS A 151 -1.47 3.12 -38.17
N TYR A 152 -0.77 2.29 -37.40
CA TYR A 152 -0.72 0.86 -37.68
C TYR A 152 -2.10 0.27 -37.94
N SER A 153 -3.03 0.54 -37.03
CA SER A 153 -4.35 -0.07 -37.09
C SER A 153 -5.15 0.47 -38.27
N TYR A 154 -5.11 1.78 -38.48
CA TYR A 154 -5.66 2.39 -39.70
C TYR A 154 -5.15 1.70 -40.97
N LEU A 155 -3.83 1.55 -41.10
CA LEU A 155 -3.25 0.98 -42.32
C LEU A 155 -3.58 -0.50 -42.46
N PHE A 156 -3.54 -1.21 -41.33
CA PHE A 156 -3.92 -2.61 -41.27
C PHE A 156 -5.39 -2.83 -41.73
N LEU A 157 -6.31 -2.02 -41.21
CA LEU A 157 -7.71 -2.17 -41.58
C LEU A 157 -7.96 -1.76 -43.02
N LYS A 158 -7.33 -0.66 -43.44
CA LYS A 158 -7.47 -0.15 -44.80
C LYS A 158 -7.09 -1.23 -45.82
N LYS A 159 -5.99 -1.94 -45.54
CA LYS A 159 -5.53 -3.03 -46.39
C LYS A 159 -6.60 -4.13 -46.48
N LEU A 160 -7.26 -4.43 -45.36
CA LEU A 160 -8.34 -5.43 -45.35
C LEU A 160 -9.65 -4.95 -45.98
N GLY A 161 -9.67 -3.69 -46.42
CA GLY A 161 -10.77 -3.18 -47.20
C GLY A 161 -11.69 -2.25 -46.44
N ILE A 162 -11.35 -1.91 -45.19
CA ILE A 162 -12.17 -0.93 -44.46
C ILE A 162 -11.33 0.29 -44.05
N GLU A 163 -11.72 1.46 -44.53
CA GLU A 163 -10.97 2.67 -44.24
C GLU A 163 -11.67 3.57 -43.20
N ILE A 164 -11.04 3.73 -42.03
CA ILE A 164 -11.56 4.60 -40.97
C ILE A 164 -10.48 5.54 -40.43
N GLU A 165 -10.49 6.76 -40.95
CA GLU A 165 -9.49 7.79 -40.66
C GLU A 165 -9.60 8.38 -39.24
N ASP A 166 -10.82 8.65 -38.80
CA ASP A 166 -11.08 9.23 -37.48
C ASP A 166 -10.66 8.25 -36.36
N TYR A 167 -9.91 8.75 -35.38
CA TYR A 167 -9.36 7.92 -34.32
C TYR A 167 -10.48 7.22 -33.55
N ASP A 168 -11.51 7.96 -33.14
CA ASP A 168 -12.55 7.38 -32.28
C ASP A 168 -13.42 6.31 -32.97
N GLU A 169 -13.75 6.50 -34.26
CA GLU A 169 -14.52 5.54 -35.06
C GLU A 169 -13.73 4.26 -35.31
N LEU A 170 -12.43 4.41 -35.57
CA LEU A 170 -11.52 3.27 -35.79
C LEU A 170 -11.46 2.43 -34.55
N GLN A 171 -11.22 3.09 -33.42
CA GLN A 171 -11.27 2.45 -32.13
C GLN A 171 -12.63 1.76 -31.85
N HIS A 172 -13.73 2.47 -32.09
CA HIS A 172 -15.05 1.85 -31.93
C HIS A 172 -15.21 0.63 -32.83
N PHE A 173 -14.78 0.72 -34.09
CA PHE A 173 -14.85 -0.44 -34.94
C PHE A 173 -14.17 -1.59 -34.26
N PHE A 174 -13.02 -1.30 -33.64
CA PHE A 174 -12.19 -2.40 -33.18
C PHE A 174 -12.74 -2.94 -31.88
N GLU A 175 -13.26 -2.04 -31.04
CA GLU A 175 -13.78 -2.45 -29.75
C GLU A 175 -15.09 -3.22 -29.93
N LYS A 176 -15.94 -2.70 -30.80
CA LYS A 176 -17.31 -3.25 -30.98
C LYS A 176 -17.39 -4.71 -31.45
N GLY A 177 -16.50 -5.13 -32.35
CA GLY A 177 -16.46 -6.51 -32.77
C GLY A 177 -16.19 -7.45 -31.60
N VAL A 178 -15.40 -6.98 -30.63
CA VAL A 178 -15.12 -7.76 -29.44
C VAL A 178 -16.33 -7.79 -28.53
N GLN A 179 -16.82 -6.60 -28.17
CA GLN A 179 -18.02 -6.43 -27.33
C GLN A 179 -19.20 -7.26 -27.84
N GLU A 180 -19.36 -7.28 -29.16
CA GLU A 180 -20.44 -8.01 -29.81
C GLU A 180 -20.24 -9.52 -29.73
N ASN A 181 -19.00 -9.96 -29.53
CA ASN A 181 -18.71 -11.37 -29.50
C ASN A 181 -17.92 -11.67 -28.28
N LEU A 182 -18.33 -11.06 -27.17
CA LEU A 182 -17.50 -11.01 -25.97
C LEU A 182 -17.14 -12.40 -25.50
N ASN A 183 -18.16 -13.25 -25.37
CA ASN A 183 -17.96 -14.60 -24.83
C ASN A 183 -17.09 -15.48 -25.71
N SER A 184 -17.27 -15.37 -27.02
CA SER A 184 -16.49 -16.09 -28.01
C SER A 184 -15.07 -15.57 -28.13
N ALA A 185 -14.88 -14.26 -27.93
CA ALA A 185 -13.55 -13.65 -27.92
C ALA A 185 -12.77 -14.14 -26.68
N LEU A 186 -13.40 -14.02 -25.52
CA LEU A 186 -12.81 -14.52 -24.27
C LEU A 186 -12.47 -16.02 -24.35
N ALA A 187 -13.34 -16.81 -24.98
CA ALA A 187 -13.17 -18.27 -25.06
C ALA A 187 -11.95 -18.68 -25.86
N LEU A 188 -11.44 -17.75 -26.68
CA LEU A 188 -10.18 -17.97 -27.41
C LEU A 188 -9.02 -18.11 -26.44
N TYR A 189 -9.19 -17.59 -25.22
CA TYR A 189 -8.11 -17.56 -24.25
C TYR A 189 -8.33 -18.69 -23.30
N GLU A 190 -8.98 -18.45 -22.19
CA GLU A 190 -9.36 -19.54 -21.29
C GLU A 190 -10.60 -19.21 -20.43
N ASN A 191 -11.07 -17.96 -20.52
CA ASN A 191 -11.78 -17.30 -19.41
C ASN A 191 -10.78 -16.98 -18.26
N THR A 192 -9.52 -16.77 -18.65
CA THR A 192 -8.46 -16.45 -17.70
C THR A 192 -8.27 -14.93 -17.65
N ILE A 193 -8.35 -14.29 -18.81
CA ILE A 193 -8.01 -12.87 -18.94
C ILE A 193 -9.20 -11.90 -19.02
N SER A 194 -8.94 -10.64 -18.74
CA SER A 194 -9.96 -9.62 -18.74
C SER A 194 -10.11 -9.09 -20.15
N LEU A 195 -11.18 -8.36 -20.38
CA LEU A 195 -11.37 -7.67 -21.64
C LEU A 195 -10.30 -6.58 -21.81
N ALA A 196 -9.90 -5.92 -20.72
CA ALA A 196 -8.84 -4.92 -20.81
C ALA A 196 -7.56 -5.58 -21.32
N GLN A 197 -7.25 -6.77 -20.81
CA GLN A 197 -6.06 -7.51 -21.22
C GLN A 197 -6.18 -8.00 -22.67
N LEU A 198 -7.38 -8.45 -23.05
CA LEU A 198 -7.67 -8.81 -24.43
C LEU A 198 -7.38 -7.64 -25.38
N TYR A 199 -7.85 -6.44 -25.05
CA TYR A 199 -7.55 -5.26 -25.85
C TYR A 199 -6.07 -4.97 -25.82
N ALA A 200 -5.47 -5.02 -24.62
CA ALA A 200 -4.02 -4.85 -24.50
C ALA A 200 -3.30 -5.75 -25.53
N ARG A 201 -3.72 -7.00 -25.59
CA ARG A 201 -3.10 -7.98 -26.49
C ARG A 201 -3.49 -7.81 -27.94
N PHE A 202 -4.73 -7.44 -28.19
CA PHE A 202 -5.28 -7.30 -29.55
C PHE A 202 -4.46 -6.18 -30.19
N HIS A 203 -4.35 -5.03 -29.53
CA HIS A 203 -3.55 -3.94 -30.10
C HIS A 203 -2.12 -4.42 -30.32
N GLY A 204 -1.58 -5.16 -29.34
CA GLY A 204 -0.26 -5.76 -29.48
C GLY A 204 -0.12 -6.57 -30.75
N ILE A 206 -1.76 -6.31 -33.61
CA ILE A 206 -1.77 -5.48 -34.78
C ILE A 206 -0.40 -4.84 -34.94
N VAL A 207 0.14 -4.30 -33.84
CA VAL A 207 1.49 -3.72 -33.88
C VAL A 207 2.51 -4.74 -34.36
N GLU A 208 2.52 -5.92 -33.75
CA GLU A 208 3.46 -6.96 -34.13
C GLU A 208 3.25 -7.39 -35.57
N PHE A 209 2.00 -7.67 -35.94
CA PHE A 209 1.66 -8.01 -37.32
C PHE A 209 2.28 -6.99 -38.27
N SER A 210 2.14 -5.72 -37.91
CA SER A 210 2.61 -4.62 -38.76
C SER A 210 4.13 -4.54 -38.91
N LYS A 211 4.86 -4.71 -37.81
CA LYS A 211 6.31 -4.72 -37.83
C LYS A 211 6.88 -5.92 -38.62
N GLN A 212 6.24 -7.08 -38.49
CA GLN A 212 6.65 -8.32 -39.16
C GLN A 212 6.32 -8.36 -40.66
N LYS A 213 5.54 -7.39 -41.14
CA LYS A 213 5.17 -7.26 -42.57
C LYS A 213 4.41 -8.49 -43.16
N LEU A 214 3.46 -9.02 -42.40
CA LEU A 214 2.75 -10.23 -42.80
C LEU A 214 1.48 -9.89 -43.59
N GLU A 215 0.81 -10.95 -44.09
CA GLU A 215 -0.46 -10.85 -44.82
C GLU A 215 -1.51 -11.73 -44.13
N LEU A 216 -2.70 -11.19 -43.87
CA LEU A 216 -3.68 -11.88 -43.02
C LEU A 216 -4.28 -13.12 -43.67
N LEU B 2 -14.46 -15.66 6.30
CA LEU B 2 -13.20 -15.43 7.09
C LEU B 2 -13.42 -14.44 8.22
N ASP B 3 -13.21 -14.91 9.44
CA ASP B 3 -13.30 -14.11 10.66
C ASP B 3 -12.00 -14.20 11.47
N SER B 4 -11.91 -13.41 12.53
CA SER B 4 -10.71 -13.35 13.35
C SER B 4 -10.54 -14.60 14.23
N PHE B 5 -11.60 -15.39 14.38
CA PHE B 5 -11.46 -16.64 15.12
C PHE B 5 -10.64 -17.67 14.32
N GLU B 6 -10.96 -17.80 13.03
CA GLU B 6 -10.18 -18.63 12.12
C GLU B 6 -8.73 -18.16 12.08
N ILE B 7 -8.54 -16.85 12.04
CA ILE B 7 -7.20 -16.27 12.07
C ILE B 7 -6.42 -16.65 13.35
N LEU B 8 -7.11 -16.54 14.48
CA LEU B 8 -6.52 -16.85 15.79
C LEU B 8 -6.07 -18.32 15.88
N LYS B 9 -6.88 -19.24 15.39
CA LYS B 9 -6.52 -20.65 15.44
C LYS B 9 -5.31 -20.93 14.56
N ALA B 10 -5.35 -20.39 13.34
CA ALA B 10 -4.25 -20.52 12.41
C ALA B 10 -2.94 -19.93 13.00
N LEU B 11 -3.02 -18.74 13.62
CA LEU B 11 -1.84 -18.16 14.25
C LEU B 11 -1.38 -18.97 15.46
N LYS B 12 -2.31 -19.42 16.30
CA LYS B 12 -1.94 -20.15 17.51
C LYS B 12 -1.15 -21.43 17.21
N SER B 13 -1.59 -22.14 16.18
CA SER B 13 -0.93 -23.38 15.80
C SER B 13 0.48 -23.13 15.26
N LEU B 14 0.80 -21.86 14.97
CA LEU B 14 2.14 -21.51 14.46
C LEU B 14 3.17 -21.36 15.57
N ASP B 15 2.73 -21.49 16.82
CA ASP B 15 3.59 -21.39 18.00
C ASP B 15 4.53 -20.15 17.98
N LEU B 16 3.94 -18.98 17.75
CA LEU B 16 4.70 -17.75 17.58
C LEU B 16 5.11 -17.11 18.92
N LEU B 17 4.45 -17.49 20.01
CA LEU B 17 4.75 -16.91 21.31
C LEU B 17 5.44 -17.95 22.21
N LYS B 18 6.18 -18.85 21.57
CA LYS B 18 6.93 -19.91 22.27
C LYS B 18 7.78 -19.37 23.43
N ASN B 19 8.61 -18.36 23.13
CA ASN B 19 9.53 -17.84 24.13
C ASN B 19 9.09 -16.50 24.74
N ALA B 20 7.78 -16.22 24.66
CA ALA B 20 7.18 -14.98 25.14
C ALA B 20 6.47 -15.16 26.50
N PRO B 21 6.46 -14.11 27.32
CA PRO B 21 5.75 -14.16 28.60
C PRO B 21 4.25 -14.34 28.43
N ALA B 22 3.58 -14.65 29.54
CA ALA B 22 2.17 -14.93 29.55
C ALA B 22 1.31 -13.92 28.75
N TRP B 23 1.65 -12.63 28.79
CA TRP B 23 0.88 -11.57 28.14
C TRP B 23 1.59 -11.01 26.89
N TRP B 24 2.60 -11.75 26.43
CA TRP B 24 3.42 -11.35 25.28
C TRP B 24 4.32 -10.13 25.57
N TRP B 25 3.71 -9.01 25.93
CA TRP B 25 4.46 -7.77 26.28
C TRP B 25 5.27 -7.98 27.60
N PRO B 26 6.60 -7.77 27.57
CA PRO B 26 7.39 -8.00 28.78
C PRO B 26 6.98 -7.01 29.86
N ASN B 27 6.78 -7.52 31.07
CA ASN B 27 6.36 -6.72 32.22
C ASN B 27 4.98 -6.10 32.04
N ALA B 28 4.10 -6.88 31.42
CA ALA B 28 2.72 -6.50 31.30
C ALA B 28 2.13 -6.23 32.68
N LEU B 29 1.13 -5.35 32.71
CA LEU B 29 0.36 -5.02 33.91
C LEU B 29 1.15 -4.17 34.89
N LYS B 30 2.21 -3.56 34.41
CA LYS B 30 3.08 -2.73 35.24
C LYS B 30 3.26 -1.41 34.56
N PHE B 31 3.72 -0.43 35.33
CA PHE B 31 3.93 0.90 34.82
C PHE B 31 4.81 0.87 33.59
N GLU B 32 5.80 0.00 33.63
CA GLU B 32 6.69 -0.23 32.50
C GLU B 32 5.96 -0.52 31.18
N ALA B 33 4.82 -1.23 31.25
CA ALA B 33 4.07 -1.51 30.04
C ALA B 33 3.48 -0.25 29.45
N LEU B 34 3.01 0.65 30.32
CA LEU B 34 2.51 1.94 29.89
C LEU B 34 3.62 2.75 29.20
N LEU B 35 4.81 2.77 29.84
CA LEU B 35 5.95 3.48 29.27
C LEU B 35 6.24 2.90 27.89
N GLY B 36 6.35 1.58 27.82
CA GLY B 36 6.54 0.89 26.56
C GLY B 36 5.46 1.20 25.52
N ALA B 37 4.22 1.37 25.99
CA ALA B 37 3.11 1.59 25.06
C ALA B 37 3.27 2.94 24.35
N VAL B 38 3.85 3.91 25.07
CA VAL B 38 4.17 5.22 24.49
C VAL B 38 5.48 5.18 23.68
N LEU B 39 6.52 4.53 24.21
CA LEU B 39 7.86 4.65 23.62
C LEU B 39 7.97 3.85 22.34
N THR B 40 7.11 2.86 22.19
CA THR B 40 7.12 1.97 21.03
C THR B 40 6.70 2.59 19.69
N GLN B 41 5.98 3.71 19.73
CA GLN B 41 5.52 4.35 18.51
C GLN B 41 6.64 4.62 17.52
N ASN B 42 6.52 4.04 16.32
CA ASN B 42 7.39 4.32 15.19
C ASN B 42 8.82 3.88 15.38
N THR B 43 9.00 2.82 16.18
CA THR B 43 10.34 2.30 16.47
C THR B 43 10.33 0.79 16.72
N LYS B 44 11.51 0.18 16.77
CA LYS B 44 11.64 -1.26 17.07
C LYS B 44 11.57 -1.47 18.59
N PHE B 45 10.97 -2.58 19.03
CA PHE B 45 10.85 -2.82 20.47
C PHE B 45 12.20 -2.98 21.16
N GLU B 46 13.20 -3.42 20.42
CA GLU B 46 14.54 -3.52 20.95
C GLU B 46 14.98 -2.16 21.49
N ALA B 47 14.64 -1.10 20.76
CA ALA B 47 14.99 0.26 21.16
C ALA B 47 14.22 0.68 22.42
N VAL B 48 12.95 0.30 22.49
CA VAL B 48 12.14 0.56 23.67
C VAL B 48 12.80 -0.10 24.91
N LEU B 49 13.32 -1.31 24.73
CA LEU B 49 13.93 -2.05 25.83
C LEU B 49 15.19 -1.31 26.34
N LYS B 50 15.97 -0.79 25.41
CA LYS B 50 17.13 0.01 25.76
C LYS B 50 16.73 1.31 26.46
N SER B 51 15.73 2.02 25.92
CA SER B 51 15.22 3.20 26.64
C SER B 51 14.86 2.82 28.07
N LEU B 52 14.10 1.74 28.21
CA LEU B 52 13.77 1.24 29.55
C LEU B 52 15.00 0.94 30.42
N GLU B 53 16.01 0.26 29.87
CA GLU B 53 17.25 0.01 30.62
C GLU B 53 17.90 1.31 31.10
N ASN B 54 17.82 2.36 30.29
CA ASN B 54 18.38 3.66 30.63
C ASN B 54 17.69 4.23 31.85
N LEU B 55 16.36 4.08 31.91
CA LEU B 55 15.60 4.57 33.05
C LEU B 55 15.92 3.79 34.32
N LYS B 56 16.07 2.47 34.17
CA LYS B 56 16.40 1.61 35.31
C LYS B 56 17.80 1.92 35.88
N ASN B 57 18.80 1.96 35.00
CA ASN B 57 20.15 2.30 35.41
C ASN B 57 20.23 3.68 36.03
N ALA B 58 19.32 4.56 35.62
CA ALA B 58 19.34 5.92 36.11
C ALA B 58 18.55 6.11 37.39
N PHE B 59 17.97 5.00 37.91
CA PHE B 59 17.21 5.06 39.16
C PHE B 59 15.86 5.72 38.97
N ILE B 60 15.45 5.92 37.72
CA ILE B 60 14.16 6.52 37.48
C ILE B 60 13.04 5.47 37.55
N LEU B 61 13.27 4.32 36.92
CA LEU B 61 12.31 3.24 36.93
C LEU B 61 12.87 2.21 37.89
N GLU B 62 12.17 1.98 39.00
CA GLU B 62 12.60 1.03 40.02
C GLU B 62 11.45 0.06 40.26
N ASN B 63 11.33 -0.49 41.46
CA ASN B 63 10.36 -1.58 41.64
C ASN B 63 9.01 -1.23 42.23
N ASP B 64 8.81 0.02 42.60
CA ASP B 64 7.51 0.47 43.06
C ASP B 64 6.83 1.38 41.99
N ASP B 65 5.78 0.86 41.37
CA ASP B 65 5.08 1.64 40.33
C ASP B 65 4.46 2.97 40.80
N GLU B 66 4.06 3.07 42.05
CA GLU B 66 3.58 4.37 42.55
C GLU B 66 4.73 5.41 42.55
N ILE B 67 5.93 4.95 42.92
CA ILE B 67 7.14 5.80 42.87
C ILE B 67 7.54 6.07 41.41
N ASN B 68 7.48 5.03 40.56
CA ASN B 68 7.81 5.21 39.15
C ASN B 68 6.95 6.29 38.50
N LEU B 69 5.65 6.28 38.80
CA LEU B 69 4.77 7.30 38.25
C LEU B 69 5.14 8.73 38.66
N LYS B 70 5.39 8.92 39.94
CA LYS B 70 5.80 10.23 40.44
C LYS B 70 7.15 10.64 39.84
N LYS B 71 8.07 9.69 39.75
CA LYS B 71 9.38 10.02 39.17
C LYS B 71 9.26 10.48 37.72
N ILE B 72 8.37 9.87 36.94
CA ILE B 72 8.20 10.34 35.57
C ILE B 72 7.48 11.71 35.54
N ALA B 73 6.46 11.86 36.38
CA ALA B 73 5.71 13.12 36.40
C ALA B 73 6.61 14.28 36.78
N TYR B 74 7.52 14.01 37.71
CA TYR B 74 8.38 15.08 38.24
C TYR B 74 9.82 15.10 37.70
N ILE B 75 10.19 14.19 36.83
CA ILE B 75 11.55 14.28 36.22
C ILE B 75 11.67 15.56 35.37
N GLU B 76 12.87 16.12 35.31
CA GLU B 76 13.19 17.22 34.41
C GLU B 76 13.15 16.71 32.94
N PHE B 77 12.46 17.46 32.09
CA PHE B 77 12.17 17.04 30.71
C PHE B 77 13.44 16.61 29.95
N SER B 78 14.46 17.45 30.05
CA SER B 78 15.74 17.23 29.38
C SER B 78 16.34 15.89 29.74
N LYS B 79 16.39 15.58 31.03
CA LYS B 79 16.87 14.29 31.50
C LYS B 79 16.10 13.11 30.90
N LEU B 80 14.77 13.17 30.94
CA LEU B 80 14.01 12.06 30.39
C LEU B 80 14.19 11.93 28.88
N ALA B 81 14.16 13.07 28.16
CA ALA B 81 14.41 13.08 26.75
C ALA B 81 15.74 12.37 26.42
N GLU B 82 16.79 12.73 27.16
CA GLU B 82 18.09 12.07 27.03
C GLU B 82 17.94 10.55 27.19
N CYS B 83 17.27 10.14 28.28
CA CYS B 83 17.09 8.73 28.60
C CYS B 83 16.40 7.91 27.50
N VAL B 84 15.43 8.49 26.82
CA VAL B 84 14.63 7.74 25.85
C VAL B 84 15.05 7.93 24.37
N ARG B 85 16.25 8.47 24.19
CA ARG B 85 16.88 8.59 22.88
C ARG B 85 16.79 7.35 21.99
N PRO B 86 17.09 6.15 22.52
CA PRO B 86 17.13 4.95 21.68
C PRO B 86 15.84 4.69 20.95
N SER B 87 14.70 5.03 21.53
CA SER B 87 13.45 4.68 20.88
C SER B 87 12.91 5.84 20.04
N GLY B 88 13.76 6.82 19.77
CA GLY B 88 13.47 7.88 18.83
C GLY B 88 12.38 8.85 19.25
N PHE B 89 12.26 9.97 18.54
CA PHE B 89 11.22 10.95 18.79
C PHE B 89 11.18 11.25 20.27
N TYR B 90 12.38 11.45 20.83
CA TYR B 90 12.58 11.39 22.27
C TYR B 90 12.08 12.66 22.99
N ASN B 91 12.20 13.83 22.36
CA ASN B 91 11.59 15.05 22.92
C ASN B 91 10.07 14.95 22.97
N GLN B 92 9.45 14.44 21.91
CA GLN B 92 8.02 14.26 21.88
C GLN B 92 7.57 13.24 22.90
N LYS B 93 8.27 12.11 22.96
CA LYS B 93 7.88 11.05 23.85
C LYS B 93 8.11 11.44 25.30
N ALA B 94 9.23 12.10 25.58
CA ALA B 94 9.46 12.53 26.96
C ALA B 94 8.36 13.47 27.42
N LYS B 95 7.99 14.45 26.61
CA LYS B 95 6.92 15.37 26.97
C LYS B 95 5.58 14.61 27.18
N ARG B 96 5.29 13.66 26.29
CA ARG B 96 4.09 12.86 26.37
C ARG B 96 4.03 12.10 27.67
N LEU B 97 5.18 11.54 28.07
CA LEU B 97 5.25 10.74 29.29
C LEU B 97 5.08 11.60 30.53
N ILE B 98 5.75 12.74 30.55
CA ILE B 98 5.62 13.65 31.68
C ILE B 98 4.20 14.23 31.78
N ASP B 99 3.64 14.71 30.67
CA ASP B 99 2.28 15.21 30.68
C ASP B 99 1.35 14.06 31.15
N LEU B 100 1.56 12.86 30.63
CA LEU B 100 0.65 11.74 30.93
C LEU B 100 0.70 11.38 32.42
N SER B 101 1.91 11.19 32.94
CA SER B 101 2.10 10.83 34.33
C SER B 101 1.55 11.89 35.27
N GLY B 102 1.71 13.16 34.92
CA GLY B 102 1.21 14.23 35.76
C GLY B 102 -0.31 14.24 35.77
N ASN B 103 -0.90 13.99 34.61
CA ASN B 103 -2.35 13.93 34.50
C ASN B 103 -2.91 12.67 35.19
N ILE B 104 -2.18 11.57 35.14
CA ILE B 104 -2.61 10.37 35.89
C ILE B 104 -2.66 10.70 37.38
N LEU B 105 -1.65 11.40 37.88
CA LEU B 105 -1.66 11.74 39.31
C LEU B 105 -2.81 12.71 39.65
N LYS B 106 -2.95 13.77 38.86
CA LYS B 106 -4.02 14.75 39.01
C LYS B 106 -5.38 14.09 39.02
N ASP B 107 -5.58 13.17 38.08
CA ASP B 107 -6.92 12.65 37.87
C ASP B 107 -7.22 11.35 38.59
N PHE B 108 -6.21 10.53 38.86
CA PHE B 108 -6.44 9.23 39.50
C PHE B 108 -5.66 9.03 40.80
N GLN B 109 -4.78 9.97 41.13
CA GLN B 109 -4.06 9.99 42.40
C GLN B 109 -3.01 8.91 42.51
N SER B 110 -3.27 7.74 41.91
CA SER B 110 -2.33 6.61 41.89
C SER B 110 -2.39 5.77 40.60
N PHE B 111 -1.33 5.01 40.35
CA PHE B 111 -1.28 4.17 39.15
C PHE B 111 -2.22 2.97 39.30
N GLU B 112 -2.28 2.41 40.51
CA GLU B 112 -3.24 1.36 40.84
C GLU B 112 -4.66 1.81 40.49
N ASN B 113 -5.08 2.99 40.95
CA ASN B 113 -6.44 3.48 40.68
C ASN B 113 -6.62 3.81 39.19
N PHE B 114 -5.56 4.33 38.58
CA PHE B 114 -5.56 4.58 37.14
C PHE B 114 -5.92 3.29 36.38
N LYS B 115 -5.28 2.19 36.75
CA LYS B 115 -5.50 0.91 36.06
C LYS B 115 -6.97 0.50 36.10
N GLN B 116 -7.62 0.83 37.20
CA GLN B 116 -8.98 0.44 37.45
C GLN B 116 -9.95 1.39 36.76
N GLU B 117 -9.68 2.70 36.82
CA GLU B 117 -10.64 3.72 36.35
C GLU B 117 -10.39 4.35 34.97
N VAL B 118 -9.22 4.14 34.36
CA VAL B 118 -8.94 4.77 33.08
C VAL B 118 -9.90 4.29 31.95
N THR B 119 -10.27 5.21 31.08
CA THR B 119 -11.06 4.85 29.91
C THR B 119 -10.26 5.25 28.71
N ARG B 120 -10.60 4.65 27.58
CA ARG B 120 -9.99 5.01 26.31
C ARG B 120 -10.06 6.51 26.05
N GLU B 121 -11.20 7.13 26.36
CA GLU B 121 -11.41 8.55 26.06
C GLU B 121 -10.49 9.44 26.89
N TRP B 122 -10.28 9.08 28.15
CA TRP B 122 -9.34 9.82 28.96
C TRP B 122 -7.97 9.76 28.31
N LEU B 123 -7.53 8.56 27.93
CA LEU B 123 -6.25 8.41 27.24
C LEU B 123 -6.15 9.21 25.93
N LEU B 124 -7.18 9.11 25.09
CA LEU B 124 -7.22 9.90 23.87
C LEU B 124 -7.14 11.43 24.06
N ASP B 125 -7.52 11.92 25.23
CA ASP B 125 -7.44 13.34 25.52
C ASP B 125 -6.03 13.76 26.01
N GLN B 126 -5.12 12.79 26.11
CA GLN B 126 -3.75 13.08 26.50
C GLN B 126 -2.98 13.39 25.22
N LYS B 127 -2.43 14.60 25.17
CA LYS B 127 -1.65 15.08 24.02
C LYS B 127 -0.67 14.01 23.55
N GLY B 128 -0.81 13.55 22.32
CA GLY B 128 0.15 12.60 21.72
C GLY B 128 -0.09 11.12 21.95
N ILE B 129 -1.12 10.79 22.72
CA ILE B 129 -1.53 9.39 22.86
C ILE B 129 -2.63 9.10 21.80
N GLY B 130 -2.28 8.34 20.77
CA GLY B 130 -3.26 7.95 19.77
C GLY B 130 -3.95 6.65 20.15
N LYS B 131 -4.80 6.17 19.23
CA LYS B 131 -5.61 5.00 19.46
C LYS B 131 -4.75 3.78 19.73
N GLU B 132 -3.62 3.63 19.06
CA GLU B 132 -2.86 2.41 19.29
C GLU B 132 -2.18 2.38 20.67
N SER B 133 -1.60 3.49 21.07
CA SER B 133 -0.90 3.48 22.33
C SER B 133 -1.89 3.44 23.49
N ALA B 134 -3.01 4.16 23.36
CA ALA B 134 -4.10 4.17 24.34
C ALA B 134 -4.57 2.74 24.61
N ASP B 135 -4.83 2.03 23.53
CA ASP B 135 -5.32 0.66 23.61
C ASP B 135 -4.27 -0.30 24.18
N ALA B 136 -3.01 -0.08 23.84
CA ALA B 136 -1.94 -0.88 24.39
C ALA B 136 -1.81 -0.61 25.87
N ILE B 137 -2.06 0.64 26.29
CA ILE B 137 -2.05 0.95 27.71
C ILE B 137 -3.20 0.20 28.36
N LEU B 138 -4.38 0.33 27.76
CA LEU B 138 -5.56 -0.38 28.25
C LEU B 138 -5.36 -1.87 28.38
N CYS B 139 -4.93 -2.53 27.30
CA CYS B 139 -4.78 -3.97 27.33
C CYS B 139 -3.55 -4.44 28.14
N TYR B 140 -2.37 -3.97 27.80
CA TYR B 140 -1.16 -4.56 28.36
C TYR B 140 -0.73 -4.00 29.73
N ALA B 141 -1.12 -2.76 30.05
CA ALA B 141 -0.86 -2.22 31.37
C ALA B 141 -2.08 -2.39 32.27
N CYS B 142 -3.29 -2.24 31.73
CA CYS B 142 -4.46 -2.22 32.60
C CYS B 142 -5.34 -3.47 32.51
N ALA B 143 -4.94 -4.47 31.71
CA ALA B 143 -5.72 -5.72 31.57
C ALA B 143 -7.19 -5.46 31.16
N LYS B 144 -7.42 -4.46 30.29
CA LYS B 144 -8.74 -4.27 29.71
C LYS B 144 -8.94 -5.20 28.53
N GLU B 145 -10.21 -5.51 28.24
CA GLU B 145 -10.61 -6.37 27.13
C GLU B 145 -10.62 -5.57 25.83
N VAL B 146 -9.42 -5.28 25.32
CA VAL B 146 -9.25 -4.38 24.20
C VAL B 146 -8.21 -5.02 23.34
N MET B 147 -8.52 -5.24 22.06
CA MET B 147 -7.52 -5.73 21.15
C MET B 147 -6.84 -4.57 20.44
N VAL B 148 -5.54 -4.44 20.65
CA VAL B 148 -4.74 -3.45 19.94
C VAL B 148 -4.70 -3.85 18.46
N VAL B 149 -4.93 -2.88 17.58
CA VAL B 149 -4.59 -3.03 16.17
C VAL B 149 -3.58 -1.96 15.80
N ASP B 150 -3.13 -2.01 14.56
CA ASP B 150 -1.99 -1.22 14.15
C ASP B 150 -1.80 -1.45 12.67
N LYS B 151 -0.74 -0.87 12.13
CA LYS B 151 -0.31 -1.12 10.74
C LYS B 151 -0.05 -2.60 10.43
N TYR B 152 0.53 -3.33 11.37
CA TYR B 152 0.82 -4.76 11.14
C TYR B 152 -0.46 -5.49 10.85
N SER B 153 -1.49 -5.21 11.65
CA SER B 153 -2.79 -5.86 11.51
C SER B 153 -3.50 -5.45 10.21
N TYR B 154 -3.44 -4.17 9.88
CA TYR B 154 -3.98 -3.69 8.62
C TYR B 154 -3.38 -4.48 7.45
N LEU B 155 -2.05 -4.51 7.38
CA LEU B 155 -1.36 -5.21 6.27
C LEU B 155 -1.60 -6.72 6.27
N PHE B 156 -1.71 -7.31 7.44
CA PHE B 156 -1.93 -8.74 7.62
C PHE B 156 -3.34 -9.15 7.13
N LEU B 157 -4.37 -8.38 7.49
CA LEU B 157 -5.72 -8.63 6.99
C LEU B 157 -5.81 -8.38 5.49
N LYS B 158 -5.11 -7.33 5.04
CA LYS B 158 -5.12 -6.93 3.63
C LYS B 158 -4.58 -8.05 2.76
N LYS B 159 -3.53 -8.72 3.24
CA LYS B 159 -2.97 -9.88 2.54
C LYS B 159 -3.98 -11.03 2.42
N LEU B 160 -4.93 -11.10 3.36
CA LEU B 160 -5.93 -12.15 3.40
C LEU B 160 -7.21 -11.71 2.69
N GLY B 161 -7.16 -10.58 2.00
CA GLY B 161 -8.26 -10.14 1.18
C GLY B 161 -9.27 -9.23 1.84
N ILE B 162 -8.97 -8.79 3.07
CA ILE B 162 -9.83 -7.86 3.79
C ILE B 162 -9.15 -6.50 4.02
N GLU B 163 -9.72 -5.44 3.48
CA GLU B 163 -9.12 -4.10 3.59
C GLU B 163 -9.86 -3.24 4.60
N ILE B 164 -9.26 -3.02 5.77
CA ILE B 164 -9.88 -2.15 6.77
C ILE B 164 -8.92 -1.04 7.26
N GLU B 165 -8.96 0.09 6.58
CA GLU B 165 -8.03 1.20 6.84
C GLU B 165 -8.27 1.91 8.20
N ASP B 166 -9.54 2.10 8.58
CA ASP B 166 -9.91 2.79 9.81
C ASP B 166 -9.58 1.96 11.05
N TYR B 167 -8.86 2.56 11.99
CA TYR B 167 -8.42 1.88 13.20
C TYR B 167 -9.56 1.18 13.90
N ASP B 168 -10.65 1.91 14.17
CA ASP B 168 -11.75 1.39 14.98
C ASP B 168 -12.47 0.24 14.29
N GLU B 169 -12.72 0.37 12.98
CA GLU B 169 -13.30 -0.74 12.21
C GLU B 169 -12.42 -2.01 12.26
N LEU B 170 -11.10 -1.79 12.18
CA LEU B 170 -10.14 -2.90 12.13
C LEU B 170 -10.14 -3.64 13.44
N GLN B 171 -10.05 -2.87 14.52
CA GLN B 171 -10.18 -3.42 15.85
C GLN B 171 -11.51 -4.17 16.01
N HIS B 172 -12.59 -3.57 15.52
CA HIS B 172 -13.89 -4.24 15.54
C HIS B 172 -13.88 -5.61 14.86
N PHE B 173 -13.31 -5.66 13.68
CA PHE B 173 -13.17 -6.92 12.97
C PHE B 173 -12.47 -7.95 13.86
N PHE B 174 -11.33 -7.60 14.44
CA PHE B 174 -10.61 -8.58 15.27
C PHE B 174 -11.39 -8.96 16.51
N GLU B 175 -12.03 -7.97 17.14
CA GLU B 175 -12.79 -8.24 18.36
C GLU B 175 -14.00 -9.13 18.09
N LYS B 176 -14.76 -8.79 17.05
CA LYS B 176 -15.98 -9.48 16.65
C LYS B 176 -15.80 -10.99 16.51
N GLY B 177 -14.79 -11.44 15.79
CA GLY B 177 -14.63 -12.87 15.60
C GLY B 177 -14.38 -13.65 16.88
N VAL B 178 -13.67 -13.04 17.83
CA VAL B 178 -13.40 -13.66 19.11
C VAL B 178 -14.67 -13.67 19.95
N GLN B 179 -15.35 -12.53 20.04
CA GLN B 179 -16.60 -12.42 20.79
C GLN B 179 -17.65 -13.40 20.31
N GLU B 180 -17.72 -13.59 18.99
CA GLU B 180 -18.74 -14.45 18.39
C GLU B 180 -18.38 -15.93 18.57
N ASN B 181 -17.18 -16.19 19.06
CA ASN B 181 -16.68 -17.55 19.25
C ASN B 181 -15.97 -17.64 20.61
N LEU B 182 -16.54 -16.96 21.59
CA LEU B 182 -15.83 -16.70 22.84
C LEU B 182 -15.38 -17.99 23.56
N ASN B 183 -16.34 -18.89 23.78
CA ASN B 183 -16.04 -20.10 24.51
C ASN B 183 -14.99 -20.94 23.80
N SER B 184 -15.15 -21.13 22.50
CA SER B 184 -14.19 -21.93 21.75
C SER B 184 -12.84 -21.28 21.74
N ALA B 185 -12.82 -19.94 21.73
CA ALA B 185 -11.56 -19.20 21.68
C ALA B 185 -10.85 -19.40 22.99
N LEU B 186 -11.53 -19.18 24.11
CA LEU B 186 -10.90 -19.37 25.39
C LEU B 186 -10.53 -20.84 25.62
N ALA B 187 -11.24 -21.75 24.95
CA ALA B 187 -11.01 -23.19 25.05
C ALA B 187 -9.72 -23.63 24.34
N LEU B 188 -9.22 -22.80 23.42
CA LEU B 188 -7.94 -23.04 22.76
C LEU B 188 -6.79 -23.11 23.76
N TYR B 189 -6.97 -22.46 24.89
CA TYR B 189 -5.90 -22.35 25.87
C TYR B 189 -6.00 -23.41 26.96
N GLU B 190 -4.91 -24.20 27.05
CA GLU B 190 -4.76 -25.22 28.08
C GLU B 190 -5.08 -24.67 29.49
N ASN B 191 -4.26 -23.73 29.98
CA ASN B 191 -4.53 -23.02 31.25
C ASN B 191 -5.43 -21.83 30.98
N THR B 192 -6.52 -21.68 31.74
CA THR B 192 -7.52 -20.66 31.43
C THR B 192 -6.92 -19.27 31.49
N ILE B 193 -7.25 -18.47 30.49
CA ILE B 193 -6.81 -17.10 30.45
C ILE B 193 -8.03 -16.24 30.21
N SER B 194 -7.93 -14.99 30.66
CA SER B 194 -8.98 -14.00 30.48
C SER B 194 -9.09 -13.62 29.01
N LEU B 195 -10.20 -12.99 28.66
CA LEU B 195 -10.34 -12.41 27.33
C LEU B 195 -9.25 -11.36 27.12
N ALA B 196 -8.98 -10.53 28.13
CA ALA B 196 -7.99 -9.48 27.99
C ALA B 196 -6.61 -10.06 27.62
N GLN B 197 -6.19 -11.13 28.33
CA GLN B 197 -4.93 -11.81 28.04
C GLN B 197 -4.94 -12.47 26.66
N LEU B 198 -6.09 -13.02 26.28
CA LEU B 198 -6.24 -13.55 24.92
C LEU B 198 -5.97 -12.46 23.89
N TYR B 199 -6.58 -11.30 24.04
CA TYR B 199 -6.34 -10.20 23.10
C TYR B 199 -4.88 -9.78 23.10
N ALA B 200 -4.28 -9.78 24.30
CA ALA B 200 -2.88 -9.43 24.48
C ALA B 200 -2.00 -10.36 23.66
N ARG B 201 -2.31 -11.65 23.76
CA ARG B 201 -1.53 -12.69 23.08
C ARG B 201 -1.81 -12.63 21.57
N PHE B 202 -3.07 -12.41 21.22
CA PHE B 202 -3.54 -12.39 19.83
C PHE B 202 -2.84 -11.28 19.05
N HIS B 203 -2.77 -10.07 19.62
CA HIS B 203 -2.07 -8.98 18.94
C HIS B 203 -0.57 -9.33 18.85
N GLY B 204 -0.06 -9.96 19.88
CA GLY B 204 1.32 -10.42 19.89
C GLY B 204 1.61 -11.38 18.77
N ILE B 206 0.10 -11.46 15.89
CA ILE B 206 0.15 -10.74 14.62
C ILE B 206 1.46 -9.98 14.49
N VAL B 207 1.91 -9.36 15.58
CA VAL B 207 3.20 -8.68 15.57
C VAL B 207 4.31 -9.68 15.21
N GLU B 208 4.38 -10.80 15.92
CA GLU B 208 5.45 -11.80 15.65
C GLU B 208 5.32 -12.39 14.25
N PHE B 209 4.09 -12.66 13.82
CA PHE B 209 3.84 -13.16 12.47
C PHE B 209 4.50 -12.20 11.48
N SER B 210 4.21 -10.92 11.65
CA SER B 210 4.69 -9.86 10.77
C SER B 210 6.20 -9.72 10.76
N LYS B 211 6.81 -9.75 11.93
CA LYS B 211 8.27 -9.67 12.04
C LYS B 211 8.95 -10.82 11.33
N GLN B 212 8.33 -11.99 11.35
CA GLN B 212 8.87 -13.19 10.73
C GLN B 212 8.54 -13.28 9.23
N LYS B 213 7.85 -12.25 8.70
CA LYS B 213 7.46 -12.19 7.27
C LYS B 213 6.73 -13.44 6.76
N LEU B 214 5.69 -13.87 7.50
CA LEU B 214 5.05 -15.15 7.20
C LEU B 214 3.83 -15.00 6.29
N GLU B 215 3.40 -16.12 5.70
CA GLU B 215 2.16 -16.18 4.92
C GLU B 215 1.14 -17.10 5.58
N LEU B 216 -0.10 -16.64 5.71
CA LEU B 216 -1.10 -17.41 6.43
C LEU B 216 -1.88 -18.32 5.51
#